data_8DP6
#
_entry.id   8DP6
#
_cell.length_a   168.463
_cell.length_b   58.395
_cell.length_c   61.886
_cell.angle_alpha   90.000
_cell.angle_beta   109.537
_cell.angle_gamma   90.000
#
_symmetry.space_group_name_H-M   'C 1 2 1'
#
loop_
_entity.id
_entity.type
_entity.pdbx_description
1 polymer 'Osmoprotection protein'
2 non-polymer 'SULFATE ION'
3 water water
#
_entity_poly.entity_id   1
_entity_poly.type   'polypeptide(L)'
_entity_poly.pdbx_seq_one_letter_code
;RNAIEEKPLVVATKPSSEQYILGEILSLLLEKHHIPIKRAFGIGGGTMNIHPALIRGDFDLYVEYTGTAWVNTLKNPLTQ
KVDFETIKKRYEKEFNLLWVGLLGFNNTYSLAISKEDAQKYAIETFSDLAFHSPNFDFGAEFDFFEREDAFKGLMKAYRF
HFRSLHEMDINLRYKSFESHKINALDVFTTDAQIKELDLKVLKDDKGFFPNYQAGIVIRKETIKKYPEALKILEKLDSKI
NDETMQDLNYQVEVLKKSPKIVAKDFLERLGL
;
_entity_poly.pdbx_strand_id   A,B
#
loop_
_chem_comp.id
_chem_comp.type
_chem_comp.name
_chem_comp.formula
SO4 non-polymer 'SULFATE ION' 'O4 S -2'
#
# COMPACT_ATOMS: atom_id res chain seq x y z
N GLU A 6 14.45 31.05 27.64
CA GLU A 6 15.75 30.44 27.36
C GLU A 6 15.80 29.00 27.86
N LYS A 7 16.02 28.06 26.95
CA LYS A 7 16.19 26.66 27.28
C LYS A 7 17.09 26.03 26.24
N PRO A 8 17.96 25.09 26.63
CA PRO A 8 18.81 24.42 25.64
C PRO A 8 17.97 23.72 24.58
N LEU A 9 18.54 23.58 23.39
CA LEU A 9 17.87 22.80 22.34
C LEU A 9 17.97 21.33 22.71
N VAL A 10 16.86 20.61 22.58
CA VAL A 10 16.80 19.23 23.01
C VAL A 10 16.89 18.33 21.78
N VAL A 11 17.94 17.51 21.72
CA VAL A 11 18.16 16.54 20.66
C VAL A 11 17.64 15.21 21.16
N ALA A 12 16.62 14.67 20.47
CA ALA A 12 16.06 13.37 20.80
C ALA A 12 16.59 12.29 19.85
N THR A 13 16.61 11.04 20.32
CA THR A 13 16.88 9.91 19.45
C THR A 13 15.98 8.75 19.82
N LYS A 14 15.86 7.81 18.90
CA LYS A 14 15.23 6.53 19.16
C LYS A 14 16.26 5.60 19.82
N PRO A 15 15.84 4.41 20.28
CA PRO A 15 16.75 3.58 21.10
C PRO A 15 17.93 2.91 20.37
N SER A 16 18.09 2.99 19.07
CA SER A 16 19.11 2.18 18.41
C SER A 16 20.51 2.79 18.52
N SER A 17 21.51 1.94 18.33
CA SER A 17 22.90 2.38 18.32
C SER A 17 23.17 3.41 17.21
N GLU A 18 22.64 3.16 16.01
CA GLU A 18 22.74 4.13 14.92
C GLU A 18 22.19 5.48 15.35
N GLN A 19 21.04 5.46 16.04
CA GLN A 19 20.43 6.70 16.49
C GLN A 19 21.27 7.41 17.55
N TYR A 20 21.96 6.67 18.43
CA TYR A 20 22.85 7.34 19.39
C TYR A 20 23.99 8.04 18.67
N ILE A 21 24.58 7.39 17.66
CA ILE A 21 25.62 8.06 16.87
C ILE A 21 25.08 9.34 16.28
N LEU A 22 23.91 9.26 15.63
CA LEU A 22 23.32 10.42 14.99
C LEU A 22 23.03 11.51 16.00
N GLY A 23 22.49 11.16 17.16
CA GLY A 23 22.23 12.16 18.19
C GLY A 23 23.50 12.86 18.64
N GLU A 24 24.60 12.13 18.75
CA GLU A 24 25.86 12.76 19.13
C GLU A 24 26.43 13.63 18.02
N ILE A 25 26.27 13.25 16.76
CA ILE A 25 26.67 14.11 15.66
C ILE A 25 25.96 15.45 15.77
N LEU A 26 24.63 15.42 15.93
CA LEU A 26 23.85 16.65 16.04
C LEU A 26 24.29 17.45 17.27
N SER A 27 24.40 16.78 18.41
CA SER A 27 24.65 17.48 19.66
C SER A 27 26.04 18.10 19.67
N LEU A 28 27.06 17.34 19.27
CA LEU A 28 28.42 17.84 19.28
C LEU A 28 28.59 18.99 18.28
N LEU A 29 27.93 18.88 17.12
CA LEU A 29 28.07 19.94 16.12
C LEU A 29 27.49 21.24 16.63
N LEU A 30 26.30 21.18 17.23
CA LEU A 30 25.71 22.39 17.78
C LEU A 30 26.51 22.93 18.95
N GLU A 31 27.02 22.04 19.81
CA GLU A 31 27.84 22.48 20.95
C GLU A 31 29.12 23.16 20.49
N LYS A 32 29.72 22.68 19.39
CA LYS A 32 30.91 23.31 18.83
C LYS A 32 30.64 24.76 18.49
N HIS A 33 29.41 25.09 18.12
CA HIS A 33 29.02 26.45 17.77
C HIS A 33 28.37 27.17 18.93
N HIS A 34 28.59 26.69 20.16
CA HIS A 34 28.20 27.37 21.39
C HIS A 34 26.70 27.46 21.58
N ILE A 35 25.94 26.57 20.97
CA ILE A 35 24.50 26.49 21.17
C ILE A 35 24.26 25.45 22.28
N PRO A 36 23.59 25.82 23.37
CA PRO A 36 23.40 24.85 24.46
C PRO A 36 22.48 23.71 24.04
N ILE A 37 22.85 22.50 24.45
CA ILE A 37 22.17 21.27 24.04
C ILE A 37 21.83 20.44 25.28
N LYS A 38 20.64 19.85 25.27
CA LYS A 38 20.26 18.80 26.20
C LYS A 38 19.98 17.54 25.39
N ARG A 39 20.59 16.42 25.79
CA ARG A 39 20.39 15.14 25.11
C ARG A 39 19.21 14.41 25.73
N ALA A 40 18.29 13.95 24.88
CA ALA A 40 17.17 13.10 25.29
C ALA A 40 17.21 11.85 24.42
N PHE A 41 18.17 10.98 24.69
CA PHE A 41 18.46 9.87 23.80
C PHE A 41 17.67 8.62 24.20
N GLY A 42 17.38 7.78 23.20
CA GLY A 42 16.81 6.48 23.48
C GLY A 42 15.36 6.50 23.93
N ILE A 43 14.52 7.29 23.25
CA ILE A 43 13.13 7.45 23.63
C ILE A 43 12.35 6.19 23.25
N GLY A 44 11.81 5.51 24.25
CA GLY A 44 11.02 4.32 23.98
C GLY A 44 9.80 4.64 23.14
N GLY A 45 9.49 3.73 22.22
CA GLY A 45 8.44 3.95 21.25
C GLY A 45 8.85 4.77 20.05
N GLY A 46 10.06 5.35 20.07
CA GLY A 46 10.53 6.08 18.89
C GLY A 46 9.60 7.22 18.50
N THR A 47 9.30 7.29 17.20
CA THR A 47 8.58 8.42 16.63
C THR A 47 7.26 8.68 17.34
N MET A 48 6.51 7.62 17.69
CA MET A 48 5.19 7.87 18.26
C MET A 48 5.24 8.64 19.57
N ASN A 49 6.35 8.57 20.32
CA ASN A 49 6.48 9.40 21.52
C ASN A 49 7.37 10.62 21.32
N ILE A 50 8.28 10.58 20.34
CA ILE A 50 9.09 11.75 20.02
C ILE A 50 8.23 12.85 19.39
N HIS A 51 7.39 12.47 18.43
CA HIS A 51 6.64 13.45 17.66
C HIS A 51 5.75 14.36 18.52
N PRO A 52 4.94 13.85 19.46
CA PRO A 52 4.14 14.76 20.28
C PRO A 52 4.97 15.73 21.10
N ALA A 53 6.15 15.32 21.55
CA ALA A 53 7.01 16.21 22.32
C ALA A 53 7.65 17.27 21.42
N LEU A 54 7.95 16.89 20.18
CA LEU A 54 8.48 17.84 19.22
C LEU A 54 7.46 18.93 18.90
N ILE A 55 6.21 18.54 18.65
CA ILE A 55 5.18 19.53 18.33
C ILE A 55 4.90 20.45 19.52
N ARG A 56 5.08 19.96 20.74
CA ARG A 56 4.86 20.76 21.94
C ARG A 56 6.08 21.57 22.35
N GLY A 57 7.19 21.45 21.65
CA GLY A 57 8.37 22.23 21.95
C GLY A 57 9.28 21.68 23.02
N ASP A 58 9.00 20.48 23.55
CA ASP A 58 9.85 19.90 24.57
C ASP A 58 11.02 19.11 23.98
N PHE A 59 10.95 18.74 22.71
CA PHE A 59 12.11 18.35 21.93
C PHE A 59 12.25 19.39 20.82
N ASP A 60 13.46 19.58 20.31
CA ASP A 60 13.68 20.50 19.21
C ASP A 60 14.05 19.84 17.89
N LEU A 61 14.77 18.72 17.91
CA LEU A 61 15.20 18.09 16.67
C LEU A 61 15.54 16.62 16.92
N TYR A 62 15.46 15.85 15.85
CA TYR A 62 15.87 14.44 15.86
C TYR A 62 16.09 14.01 14.42
N VAL A 63 16.67 12.84 14.23
CA VAL A 63 16.84 12.27 12.90
C VAL A 63 15.73 11.24 12.66
N GLU A 64 14.92 11.51 11.65
CA GLU A 64 13.82 10.65 11.24
C GLU A 64 14.19 9.96 9.91
N TYR A 65 13.50 8.86 9.63
CA TYR A 65 13.62 8.16 8.37
C TYR A 65 12.37 8.39 7.54
N THR A 66 12.53 8.70 6.24
CA THR A 66 11.38 9.11 5.45
C THR A 66 10.23 8.10 5.51
N GLY A 67 10.51 6.82 5.31
CA GLY A 67 9.44 5.83 5.30
C GLY A 67 8.74 5.72 6.64
N THR A 68 9.47 5.96 7.74
CA THR A 68 8.83 5.92 9.06
C THR A 68 7.87 7.09 9.23
N ALA A 69 8.30 8.30 8.82
CA ALA A 69 7.36 9.43 8.83
C ALA A 69 6.16 9.14 7.94
N TRP A 70 6.42 8.60 6.75
CA TRP A 70 5.36 8.32 5.78
C TRP A 70 4.25 7.47 6.39
N VAL A 71 4.63 6.37 7.05
CA VAL A 71 3.64 5.43 7.57
C VAL A 71 3.12 5.81 8.95
N ASN A 72 3.97 6.31 9.85
CA ASN A 72 3.57 6.49 11.24
C ASN A 72 2.98 7.86 11.54
N THR A 73 3.59 8.92 11.03
CA THR A 73 3.07 10.25 11.28
C THR A 73 2.08 10.68 10.21
N LEU A 74 2.33 10.32 8.95
CA LEU A 74 1.52 10.79 7.84
C LEU A 74 0.46 9.79 7.41
N LYS A 75 0.50 8.57 7.95
CA LYS A 75 -0.52 7.54 7.73
C LYS A 75 -0.66 7.13 6.27
N ASN A 76 0.43 7.16 5.52
CA ASN A 76 0.41 6.74 4.12
C ASN A 76 0.93 5.31 3.97
N PRO A 77 0.51 4.62 2.92
CA PRO A 77 0.90 3.20 2.77
C PRO A 77 2.31 3.03 2.23
N LEU A 78 3.02 2.04 2.77
CA LEU A 78 4.36 1.73 2.32
C LEU A 78 4.39 1.05 0.96
N THR A 79 3.24 0.60 0.45
CA THR A 79 3.16 0.12 -0.92
C THR A 79 3.15 1.25 -1.94
N GLN A 80 3.04 2.51 -1.50
CA GLN A 80 3.23 3.65 -2.37
C GLN A 80 4.61 4.23 -2.11
N LYS A 81 5.29 4.63 -3.18
CA LYS A 81 6.64 5.13 -3.05
C LYS A 81 6.69 6.30 -2.08
N VAL A 82 7.62 6.24 -1.15
CA VAL A 82 7.81 7.34 -0.21
C VAL A 82 8.22 8.57 -1.01
N ASP A 83 7.51 9.68 -0.79
CA ASP A 83 7.78 10.89 -1.56
C ASP A 83 8.30 11.96 -0.62
N PHE A 84 9.61 12.25 -0.73
CA PHE A 84 10.20 13.24 0.17
C PHE A 84 9.53 14.59 0.08
N GLU A 85 9.30 15.09 -1.15
CA GLU A 85 8.72 16.42 -1.28
C GLU A 85 7.37 16.52 -0.55
N THR A 86 6.55 15.47 -0.65
CA THR A 86 5.27 15.46 0.07
C THR A 86 5.49 15.44 1.57
N ILE A 87 6.44 14.64 2.05
CA ILE A 87 6.78 14.63 3.47
C ILE A 87 7.17 16.02 3.94
N LYS A 88 8.07 16.68 3.21
CA LYS A 88 8.53 17.99 3.65
C LYS A 88 7.37 18.99 3.69
N LYS A 89 6.51 18.98 2.67
CA LYS A 89 5.39 19.92 2.63
C LYS A 89 4.41 19.66 3.76
N ARG A 90 4.02 18.40 3.97
CA ARG A 90 3.07 18.10 5.02
C ARG A 90 3.64 18.40 6.40
N TYR A 91 4.94 18.13 6.60
CA TYR A 91 5.56 18.43 7.89
C TYR A 91 5.52 19.91 8.20
N GLU A 92 5.82 20.75 7.20
CA GLU A 92 5.76 22.19 7.41
C GLU A 92 4.34 22.64 7.71
N LYS A 93 3.38 22.20 6.88
CA LYS A 93 2.02 22.73 6.96
C LYS A 93 1.27 22.20 8.16
N GLU A 94 1.37 20.90 8.43
CA GLU A 94 0.57 20.29 9.49
C GLU A 94 1.24 20.38 10.86
N PHE A 95 2.57 20.37 10.92
CA PHE A 95 3.28 20.25 12.18
C PHE A 95 4.23 21.40 12.47
N ASN A 96 4.41 22.33 11.54
CA ASN A 96 5.41 23.39 11.71
C ASN A 96 6.80 22.82 11.97
N LEU A 97 7.12 21.71 11.29
CA LEU A 97 8.40 21.03 11.39
C LEU A 97 9.11 21.10 10.04
N LEU A 98 10.43 21.26 10.08
CA LEU A 98 11.26 21.37 8.89
C LEU A 98 12.15 20.14 8.78
N TRP A 99 12.14 19.50 7.62
CA TRP A 99 13.21 18.57 7.26
C TRP A 99 14.35 19.41 6.70
N VAL A 100 15.50 19.41 7.38
CA VAL A 100 16.65 20.21 6.97
C VAL A 100 17.11 19.81 5.57
N GLY A 101 17.11 18.51 5.32
CA GLY A 101 17.69 17.90 4.15
C GLY A 101 17.88 16.45 4.50
N LEU A 102 18.59 15.72 3.64
CA LEU A 102 18.85 14.31 3.86
C LEU A 102 20.33 14.08 4.09
N LEU A 103 20.64 13.22 5.06
CA LEU A 103 22.03 12.98 5.44
C LEU A 103 22.79 12.24 4.36
N GLY A 104 22.11 11.39 3.59
CA GLY A 104 22.74 10.73 2.46
C GLY A 104 22.56 9.22 2.42
N PHE A 105 21.99 8.64 3.47
CA PHE A 105 21.86 7.20 3.58
C PHE A 105 20.40 6.79 3.74
N ASN A 106 20.17 5.53 3.41
CA ASN A 106 18.87 4.88 3.45
C ASN A 106 19.06 3.64 4.29
N ASN A 107 18.25 3.46 5.33
CA ASN A 107 18.35 2.31 6.21
C ASN A 107 17.13 1.43 5.95
N THR A 108 17.27 0.52 5.02
CA THR A 108 16.14 -0.34 4.64
C THR A 108 16.65 -1.76 4.46
N TYR A 109 15.73 -2.67 4.27
CA TYR A 109 16.11 -4.04 3.99
C TYR A 109 16.80 -4.14 2.64
N SER A 110 17.76 -5.06 2.56
CA SER A 110 18.27 -5.53 1.28
C SER A 110 18.61 -7.01 1.44
N LEU A 111 19.22 -7.56 0.39
CA LEU A 111 19.67 -8.95 0.36
C LEU A 111 21.16 -8.95 0.10
N ALA A 112 21.88 -9.89 0.72
CA ALA A 112 23.34 -9.94 0.61
C ALA A 112 23.81 -11.37 0.39
N ILE A 113 24.92 -11.47 -0.34
CA ILE A 113 25.64 -12.72 -0.58
C ILE A 113 27.12 -12.41 -0.46
N SER A 114 27.97 -13.44 -0.60
CA SER A 114 29.40 -13.18 -0.60
C SER A 114 29.83 -12.52 -1.90
N LYS A 115 30.93 -11.76 -1.83
CA LYS A 115 31.48 -11.16 -3.04
C LYS A 115 31.94 -12.22 -4.03
N GLU A 116 32.43 -13.35 -3.53
CA GLU A 116 32.85 -14.44 -4.41
C GLU A 116 31.67 -15.03 -5.17
N ASP A 117 30.54 -15.26 -4.48
CA ASP A 117 29.35 -15.76 -5.18
C ASP A 117 28.79 -14.73 -6.14
N ALA A 118 28.88 -13.44 -5.80
CA ALA A 118 28.39 -12.41 -6.71
C ALA A 118 29.21 -12.40 -8.00
N GLN A 119 30.53 -12.56 -7.89
CA GLN A 119 31.37 -12.62 -9.08
C GLN A 119 31.14 -13.90 -9.87
N LYS A 120 30.96 -15.02 -9.16
CA LYS A 120 30.81 -16.31 -9.84
C LYS A 120 29.55 -16.33 -10.70
N TYR A 121 28.45 -15.78 -10.18
CA TYR A 121 27.15 -15.86 -10.84
C TYR A 121 26.74 -14.56 -11.52
N ALA A 122 27.61 -13.56 -11.56
CA ALA A 122 27.30 -12.25 -12.16
C ALA A 122 26.13 -11.56 -11.46
N ILE A 123 26.04 -11.72 -10.14
CA ILE A 123 24.88 -11.23 -9.39
C ILE A 123 25.14 -9.80 -8.90
N GLU A 124 24.31 -8.87 -9.37
CA GLU A 124 24.29 -7.48 -8.91
C GLU A 124 22.94 -7.07 -8.34
N THR A 125 21.84 -7.61 -8.85
CA THR A 125 20.50 -7.16 -8.48
C THR A 125 19.71 -8.29 -7.86
N PHE A 126 18.59 -7.92 -7.23
CA PHE A 126 17.65 -8.92 -6.74
C PHE A 126 17.20 -9.86 -7.86
N SER A 127 16.95 -9.32 -9.06
CA SER A 127 16.52 -10.18 -10.16
C SER A 127 17.60 -11.18 -10.52
N ASP A 128 18.88 -10.77 -10.45
CA ASP A 128 19.97 -11.72 -10.65
C ASP A 128 19.94 -12.82 -9.60
N LEU A 129 19.76 -12.44 -8.32
CA LEU A 129 19.73 -13.46 -7.28
C LEU A 129 18.56 -14.42 -7.50
N ALA A 130 17.40 -13.90 -7.88
CA ALA A 130 16.27 -14.77 -8.16
C ALA A 130 16.59 -15.71 -9.31
N PHE A 131 17.24 -15.19 -10.38
CA PHE A 131 17.61 -16.02 -11.52
C PHE A 131 18.48 -17.19 -11.10
N HIS A 132 19.39 -16.97 -10.14
CA HIS A 132 20.34 -17.98 -9.70
C HIS A 132 19.96 -18.59 -8.36
N SER A 133 18.75 -18.31 -7.87
CA SER A 133 18.37 -18.70 -6.53
C SER A 133 18.43 -20.20 -6.24
N PRO A 134 18.28 -21.12 -7.19
CA PRO A 134 18.48 -22.54 -6.86
C PRO A 134 19.88 -22.88 -6.35
N ASN A 135 20.83 -21.95 -6.46
CA ASN A 135 22.16 -22.17 -5.91
C ASN A 135 22.34 -21.55 -4.54
N PHE A 136 21.26 -21.09 -3.91
CA PHE A 136 21.35 -20.36 -2.65
C PHE A 136 20.40 -20.91 -1.61
N ASP A 137 20.94 -21.03 -0.39
CA ASP A 137 20.18 -21.34 0.81
C ASP A 137 19.98 -20.02 1.54
N PHE A 138 18.72 -19.59 1.66
CA PHE A 138 18.41 -18.26 2.19
C PHE A 138 18.02 -18.34 3.66
N GLY A 139 18.52 -17.39 4.45
CA GLY A 139 18.16 -17.31 5.85
C GLY A 139 17.76 -15.90 6.26
N ALA A 140 16.87 -15.83 7.24
CA ALA A 140 16.42 -14.55 7.79
C ALA A 140 15.80 -14.80 9.15
N GLU A 141 15.50 -13.72 9.86
CA GLU A 141 14.85 -13.81 11.16
C GLU A 141 13.38 -14.19 10.99
N PHE A 142 12.80 -14.75 12.06
CA PHE A 142 11.42 -15.23 12.00
C PHE A 142 10.47 -14.17 11.43
N ASP A 143 10.59 -12.93 11.87
CA ASP A 143 9.66 -11.88 11.47
C ASP A 143 9.65 -11.68 9.96
N PHE A 144 10.79 -11.90 9.30
CA PHE A 144 10.91 -11.68 7.87
C PHE A 144 10.03 -12.63 7.06
N PHE A 145 9.63 -13.75 7.64
CA PHE A 145 8.82 -14.72 6.92
C PHE A 145 7.32 -14.58 7.22
N GLU A 146 6.90 -13.51 7.91
CA GLU A 146 5.56 -13.44 8.49
C GLU A 146 4.52 -12.73 7.61
N ARG A 147 4.83 -11.53 7.08
CA ARG A 147 3.81 -10.77 6.36
C ARG A 147 4.27 -10.41 4.96
N GLU A 148 3.35 -9.82 4.19
CA GLU A 148 3.59 -9.48 2.80
C GLU A 148 4.64 -8.39 2.63
N ASP A 149 4.98 -7.67 3.69
CA ASP A 149 5.97 -6.60 3.57
C ASP A 149 7.39 -7.13 3.42
N ALA A 150 7.62 -8.42 3.62
CA ALA A 150 8.97 -8.96 3.59
C ALA A 150 9.06 -10.15 2.63
N PHE A 151 9.47 -11.32 3.12
CA PHE A 151 9.74 -12.45 2.22
C PHE A 151 8.53 -12.78 1.34
N LYS A 152 7.33 -12.84 1.92
CA LYS A 152 6.14 -13.17 1.12
C LYS A 152 5.98 -12.21 -0.04
N GLY A 153 6.15 -10.91 0.19
CA GLY A 153 6.05 -9.95 -0.89
C GLY A 153 7.21 -10.04 -1.86
N LEU A 154 8.41 -10.32 -1.36
CA LEU A 154 9.57 -10.46 -2.23
C LEU A 154 9.37 -11.59 -3.22
N MET A 155 8.70 -12.66 -2.77
CA MET A 155 8.37 -13.77 -3.66
C MET A 155 7.35 -13.37 -4.72
N LYS A 156 6.42 -12.46 -4.39
CA LYS A 156 5.46 -12.02 -5.39
C LYS A 156 6.10 -11.10 -6.43
N ALA A 157 7.14 -10.38 -6.03
CA ALA A 157 7.77 -9.41 -6.92
C ALA A 157 8.85 -10.03 -7.80
N TYR A 158 9.55 -11.07 -7.34
CA TYR A 158 10.75 -11.53 -8.03
C TYR A 158 10.77 -13.02 -8.42
N ARG A 159 9.88 -13.85 -7.87
CA ARG A 159 9.87 -15.27 -8.24
C ARG A 159 11.19 -15.96 -7.90
N PHE A 160 11.55 -15.86 -6.62
CA PHE A 160 12.69 -16.60 -6.12
C PHE A 160 12.35 -18.09 -6.05
N HIS A 161 13.37 -18.92 -6.31
CA HIS A 161 13.28 -20.36 -6.10
C HIS A 161 14.53 -20.80 -5.33
N PHE A 162 14.64 -20.32 -4.09
CA PHE A 162 15.78 -20.69 -3.27
C PHE A 162 15.82 -22.21 -3.06
N ARG A 163 17.04 -22.73 -3.00
CA ARG A 163 17.25 -24.15 -2.73
C ARG A 163 16.72 -24.53 -1.36
N SER A 164 16.83 -23.63 -0.38
CA SER A 164 16.29 -23.88 0.94
C SER A 164 16.03 -22.55 1.61
N LEU A 165 15.19 -22.60 2.65
CA LEU A 165 14.84 -21.45 3.47
C LEU A 165 15.07 -21.81 4.93
N HIS A 166 15.60 -20.85 5.69
CA HIS A 166 15.95 -21.06 7.08
C HIS A 166 15.53 -19.84 7.89
N GLU A 167 14.75 -20.04 8.94
CA GLU A 167 14.41 -18.97 9.85
C GLU A 167 15.04 -19.21 11.20
N MET A 168 15.44 -18.13 11.85
CA MET A 168 16.27 -18.24 13.06
C MET A 168 16.22 -16.93 13.82
N ASP A 169 16.80 -16.96 15.01
CA ASP A 169 16.96 -15.76 15.81
C ASP A 169 17.69 -14.70 14.99
N ILE A 170 17.25 -13.45 15.15
CA ILE A 170 17.82 -12.35 14.38
C ILE A 170 19.33 -12.24 14.57
N ASN A 171 19.84 -12.65 15.73
CA ASN A 171 21.26 -12.53 16.06
C ASN A 171 22.09 -13.69 15.56
N LEU A 172 21.49 -14.66 14.88
CA LEU A 172 22.22 -15.83 14.37
C LEU A 172 22.39 -15.82 12.85
N ARG A 173 21.86 -14.81 12.16
CA ARG A 173 21.91 -14.79 10.69
C ARG A 173 23.33 -14.68 10.18
N TYR A 174 24.08 -13.69 10.67
CA TYR A 174 25.42 -13.48 10.13
C TYR A 174 26.33 -14.66 10.46
N LYS A 175 26.17 -15.23 11.67
CA LYS A 175 26.94 -16.41 12.04
C LYS A 175 26.59 -17.61 11.15
N SER A 176 25.31 -17.78 10.83
CA SER A 176 24.88 -18.89 9.98
C SER A 176 25.39 -18.72 8.56
N PHE A 177 25.51 -17.48 8.09
CA PHE A 177 26.16 -17.23 6.81
C PHE A 177 27.63 -17.65 6.85
N GLU A 178 28.33 -17.33 7.94
CA GLU A 178 29.74 -17.67 8.03
C GLU A 178 29.97 -19.19 8.04
N SER A 179 29.05 -19.94 8.64
CA SER A 179 29.20 -21.38 8.72
C SER A 179 28.74 -22.10 7.45
N HIS A 180 28.18 -21.36 6.49
CA HIS A 180 27.61 -21.90 5.25
C HIS A 180 26.29 -22.62 5.44
N LYS A 181 25.67 -22.54 6.62
CA LYS A 181 24.30 -23.01 6.75
C LYS A 181 23.40 -22.26 5.77
N ILE A 182 23.65 -20.97 5.59
CA ILE A 182 23.02 -20.19 4.54
C ILE A 182 24.12 -19.49 3.75
N ASN A 183 23.77 -19.06 2.53
CA ASN A 183 24.71 -18.29 1.71
C ASN A 183 24.03 -17.08 1.08
N ALA A 184 22.86 -16.71 1.60
CA ALA A 184 22.17 -15.48 1.23
C ALA A 184 21.31 -15.11 2.42
N LEU A 185 21.17 -13.80 2.69
CA LEU A 185 20.42 -13.39 3.86
C LEU A 185 19.89 -11.98 3.68
N ASP A 186 18.94 -11.62 4.55
CA ASP A 186 18.51 -10.23 4.64
C ASP A 186 19.50 -9.42 5.47
N VAL A 187 19.65 -8.15 5.07
CA VAL A 187 20.45 -7.18 5.83
C VAL A 187 19.65 -5.89 5.91
N PHE A 188 20.04 -5.03 6.84
CA PHE A 188 19.70 -3.63 6.73
C PHE A 188 20.88 -2.90 6.11
N THR A 189 20.59 -1.92 5.24
CA THR A 189 21.62 -1.34 4.40
C THR A 189 22.67 -0.52 5.15
N THR A 190 22.48 -0.23 6.45
CA THR A 190 23.52 0.43 7.23
C THR A 190 24.22 -0.51 8.22
N ASP A 191 23.95 -1.81 8.15
CA ASP A 191 24.46 -2.73 9.16
C ASP A 191 25.99 -2.75 9.20
N ALA A 192 26.52 -2.69 10.42
CA ALA A 192 27.97 -2.83 10.64
C ALA A 192 28.49 -4.14 10.05
N GLN A 193 27.66 -5.18 10.05
CA GLN A 193 28.07 -6.49 9.59
C GLN A 193 28.33 -6.54 8.09
N ILE A 194 27.78 -5.60 7.31
CA ILE A 194 28.13 -5.54 5.90
C ILE A 194 29.63 -5.30 5.74
N LYS A 195 30.16 -4.35 6.52
CA LYS A 195 31.60 -4.09 6.51
C LYS A 195 32.35 -5.25 7.16
N GLU A 196 31.87 -5.71 8.32
CA GLU A 196 32.58 -6.74 9.08
C GLU A 196 32.77 -8.01 8.25
N LEU A 197 31.73 -8.43 7.54
CA LEU A 197 31.77 -9.66 6.76
C LEU A 197 32.12 -9.42 5.31
N ASP A 198 32.34 -8.16 4.92
CA ASP A 198 32.69 -7.80 3.53
C ASP A 198 31.65 -8.33 2.54
N LEU A 199 30.38 -8.10 2.85
CA LEU A 199 29.28 -8.66 2.06
C LEU A 199 29.01 -7.85 0.79
N LYS A 200 28.47 -8.54 -0.21
CA LYS A 200 27.93 -7.90 -1.41
C LYS A 200 26.45 -7.63 -1.17
N VAL A 201 26.07 -6.35 -1.10
CA VAL A 201 24.68 -5.95 -0.94
C VAL A 201 24.08 -5.71 -2.32
N LEU A 202 22.94 -6.34 -2.58
CA LEU A 202 22.39 -6.32 -3.93
C LEU A 202 21.46 -5.13 -4.14
N LYS A 203 21.23 -4.81 -5.42
CA LYS A 203 20.36 -3.71 -5.80
C LYS A 203 18.93 -4.20 -5.98
N ASP A 204 17.98 -3.52 -5.34
CA ASP A 204 16.55 -3.83 -5.38
C ASP A 204 15.99 -3.24 -6.67
N ASP A 205 16.19 -3.96 -7.78
CA ASP A 205 15.96 -3.36 -9.10
C ASP A 205 14.49 -3.04 -9.36
N LYS A 206 13.56 -3.76 -8.72
CA LYS A 206 12.14 -3.47 -8.84
C LYS A 206 11.62 -2.58 -7.72
N GLY A 207 12.48 -2.14 -6.82
CA GLY A 207 12.04 -1.25 -5.75
C GLY A 207 11.02 -1.84 -4.82
N PHE A 208 11.20 -3.10 -4.41
CA PHE A 208 10.24 -3.71 -3.49
C PHE A 208 10.28 -3.07 -2.11
N PHE A 209 11.49 -2.88 -1.54
CA PHE A 209 11.53 -2.39 -0.16
C PHE A 209 11.41 -0.87 -0.14
N PRO A 210 10.65 -0.31 0.81
CA PRO A 210 10.44 1.14 0.83
C PRO A 210 11.71 1.87 1.26
N ASN A 211 11.69 3.19 1.02
CA ASN A 211 12.82 4.04 1.36
C ASN A 211 12.71 4.59 2.77
N TYR A 212 13.83 4.51 3.49
CA TYR A 212 13.97 5.06 4.84
C TYR A 212 15.21 5.96 4.86
N GLN A 213 15.11 7.10 4.17
CA GLN A 213 16.22 8.02 4.06
C GLN A 213 16.27 8.89 5.32
N ALA A 214 17.44 8.95 5.94
CA ALA A 214 17.56 9.69 7.20
C ALA A 214 17.73 11.19 6.97
N GLY A 215 17.04 11.98 7.78
CA GLY A 215 17.20 13.43 7.74
C GLY A 215 16.82 14.06 9.05
N ILE A 216 17.38 15.23 9.32
CA ILE A 216 17.10 15.98 10.53
C ILE A 216 15.76 16.68 10.41
N VAL A 217 14.88 16.47 11.39
CA VAL A 217 13.62 17.19 11.53
C VAL A 217 13.77 18.13 12.71
N ILE A 218 13.47 19.42 12.51
CA ILE A 218 13.66 20.43 13.54
C ILE A 218 12.44 21.36 13.53
N ARG A 219 12.07 21.85 14.71
CA ARG A 219 10.95 22.79 14.81
C ARG A 219 11.23 24.06 14.02
N LYS A 220 10.23 24.51 13.26
CA LYS A 220 10.39 25.78 12.57
C LYS A 220 10.56 26.93 13.55
N GLU A 221 9.90 26.84 14.71
CA GLU A 221 10.07 27.88 15.72
C GLU A 221 11.51 27.95 16.19
N THR A 222 12.17 26.80 16.29
CA THR A 222 13.57 26.77 16.71
C THR A 222 14.49 27.40 15.66
N ILE A 223 14.23 27.14 14.38
CA ILE A 223 15.00 27.75 13.29
C ILE A 223 14.78 29.26 13.25
N LYS A 224 13.56 29.72 13.54
CA LYS A 224 13.30 31.15 13.58
C LYS A 224 14.13 31.82 14.66
N LYS A 225 14.20 31.21 15.84
CA LYS A 225 14.97 31.76 16.95
C LYS A 225 16.47 31.53 16.80
N TYR A 226 16.88 30.47 16.12
CA TYR A 226 18.29 30.12 15.95
C TYR A 226 18.59 29.93 14.47
N PRO A 227 18.58 31.01 13.68
CA PRO A 227 18.83 30.83 12.24
C PRO A 227 20.15 30.17 11.93
N GLU A 228 21.19 30.40 12.75
CA GLU A 228 22.47 29.79 12.48
C GLU A 228 22.41 28.26 12.61
N ALA A 229 21.50 27.74 13.43
CA ALA A 229 21.37 26.29 13.57
C ALA A 229 21.03 25.65 12.23
N LEU A 230 20.22 26.31 11.42
CA LEU A 230 19.89 25.74 10.11
C LEU A 230 21.12 25.70 9.22
N LYS A 231 21.89 26.78 9.19
CA LYS A 231 23.10 26.79 8.36
C LYS A 231 24.08 25.72 8.81
N ILE A 232 24.23 25.57 10.12
CA ILE A 232 25.16 24.60 10.68
C ILE A 232 24.73 23.19 10.31
N LEU A 233 23.45 22.86 10.53
CA LEU A 233 22.96 21.50 10.30
C LEU A 233 22.95 21.14 8.83
N GLU A 234 22.75 22.12 7.94
CA GLU A 234 22.81 21.86 6.51
C GLU A 234 24.18 21.39 6.06
N LYS A 235 25.23 21.68 6.84
CA LYS A 235 26.55 21.19 6.46
C LYS A 235 26.64 19.67 6.53
N LEU A 236 25.71 19.01 7.21
CA LEU A 236 25.66 17.56 7.21
C LEU A 236 24.91 16.97 6.01
N ASP A 237 24.21 17.78 5.22
CA ASP A 237 23.45 17.25 4.10
C ASP A 237 24.39 16.47 3.18
N SER A 238 23.96 15.26 2.78
CA SER A 238 24.69 14.40 1.85
C SER A 238 26.07 13.97 2.34
N LYS A 239 26.38 14.11 3.63
CA LYS A 239 27.69 13.76 4.16
C LYS A 239 27.80 12.34 4.70
N ILE A 240 26.69 11.60 4.80
CA ILE A 240 26.68 10.25 5.36
C ILE A 240 25.98 9.34 4.35
N ASN A 241 26.74 8.70 3.47
CA ASN A 241 26.14 7.72 2.57
C ASN A 241 26.02 6.37 3.30
N ASP A 242 25.46 5.36 2.62
CA ASP A 242 25.26 4.06 3.27
C ASP A 242 26.57 3.49 3.78
N GLU A 243 27.64 3.59 2.99
CA GLU A 243 28.92 3.01 3.40
C GLU A 243 29.48 3.74 4.62
N THR A 244 29.31 5.06 4.66
CA THR A 244 29.76 5.81 5.83
C THR A 244 28.98 5.41 7.07
N MET A 245 27.65 5.27 6.95
CA MET A 245 26.86 4.87 8.12
C MET A 245 27.23 3.47 8.57
N GLN A 246 27.48 2.55 7.62
CA GLN A 246 27.99 1.23 7.98
C GLN A 246 29.28 1.34 8.77
N ASP A 247 30.19 2.22 8.34
CA ASP A 247 31.46 2.34 9.04
C ASP A 247 31.28 2.89 10.45
N LEU A 248 30.42 3.90 10.61
CA LEU A 248 30.19 4.45 11.94
C LEU A 248 29.55 3.41 12.85
N ASN A 249 28.56 2.67 12.32
CA ASN A 249 27.96 1.58 13.08
C ASN A 249 28.99 0.51 13.44
N TYR A 250 29.91 0.22 12.50
CA TYR A 250 30.98 -0.74 12.75
C TYR A 250 31.88 -0.28 13.89
N GLN A 251 32.20 1.02 13.93
CA GLN A 251 33.04 1.53 15.01
C GLN A 251 32.40 1.31 16.37
N VAL A 252 31.08 1.51 16.48
CA VAL A 252 30.41 1.30 17.76
C VAL A 252 30.24 -0.18 18.05
N GLU A 253 29.66 -0.93 17.10
CA GLU A 253 29.22 -2.28 17.42
C GLU A 253 30.34 -3.30 17.40
N VAL A 254 31.33 -3.12 16.54
CA VAL A 254 32.44 -4.06 16.41
C VAL A 254 33.68 -3.56 17.14
N LEU A 255 34.06 -2.30 16.93
CA LEU A 255 35.27 -1.78 17.56
C LEU A 255 35.02 -1.31 18.99
N LYS A 256 33.77 -1.22 19.42
CA LYS A 256 33.43 -0.88 20.81
C LYS A 256 33.89 0.53 21.16
N LYS A 257 33.80 1.43 20.20
CA LYS A 257 34.04 2.84 20.40
C LYS A 257 32.72 3.50 20.78
N SER A 258 32.76 4.46 21.70
CA SER A 258 31.51 5.07 22.15
C SER A 258 30.88 5.89 21.03
N PRO A 259 29.54 5.94 20.98
CA PRO A 259 28.89 6.80 19.97
C PRO A 259 29.37 8.24 20.02
N LYS A 260 29.64 8.77 21.21
CA LYS A 260 30.12 10.15 21.31
C LYS A 260 31.48 10.32 20.63
N ILE A 261 32.41 9.39 20.85
CA ILE A 261 33.73 9.51 20.23
C ILE A 261 33.64 9.26 18.73
N VAL A 262 32.80 8.29 18.31
CA VAL A 262 32.58 8.05 16.88
C VAL A 262 32.10 9.32 16.21
N ALA A 263 31.11 9.99 16.81
CA ALA A 263 30.58 11.22 16.25
C ALA A 263 31.62 12.32 16.22
N LYS A 264 32.39 12.47 17.31
CA LYS A 264 33.43 13.50 17.35
C LYS A 264 34.44 13.30 16.24
N ASP A 265 34.92 12.06 16.08
CA ASP A 265 35.93 11.80 15.05
C ASP A 265 35.36 12.01 13.65
N PHE A 266 34.08 11.65 13.45
CA PHE A 266 33.45 11.88 12.16
C PHE A 266 33.39 13.35 11.81
N LEU A 267 32.94 14.19 12.76
CA LEU A 267 32.87 15.62 12.50
C LEU A 267 34.25 16.19 12.18
N GLU A 268 35.27 15.71 12.88
CA GLU A 268 36.63 16.20 12.62
C GLU A 268 37.11 15.77 11.24
N ARG A 269 36.76 14.56 10.80
CA ARG A 269 37.12 14.14 9.44
C ARG A 269 36.43 15.01 8.39
N LEU A 270 35.21 15.48 8.66
CA LEU A 270 34.51 16.38 7.76
C LEU A 270 35.02 17.82 7.83
N GLY A 271 35.88 18.15 8.79
CA GLY A 271 36.30 19.52 8.97
C GLY A 271 35.27 20.41 9.62
N LEU A 272 34.33 19.84 10.37
CA LEU A 272 33.27 20.59 11.02
C LEU A 272 33.54 20.78 12.51
N LYS B 7 -19.17 -27.53 -28.12
CA LYS B 7 -18.20 -26.44 -28.02
C LYS B 7 -17.97 -26.04 -26.56
N PRO B 8 -16.77 -25.56 -26.25
CA PRO B 8 -16.47 -25.14 -24.87
C PRO B 8 -17.36 -23.99 -24.43
N LEU B 9 -17.55 -23.87 -23.13
CA LEU B 9 -18.34 -22.78 -22.56
C LEU B 9 -17.50 -21.52 -22.59
N VAL B 10 -18.07 -20.43 -23.10
CA VAL B 10 -17.32 -19.19 -23.28
C VAL B 10 -17.62 -18.25 -22.11
N VAL B 11 -16.59 -17.93 -21.35
CA VAL B 11 -16.67 -16.98 -20.23
C VAL B 11 -16.24 -15.62 -20.74
N ALA B 12 -17.15 -14.66 -20.71
CA ALA B 12 -16.85 -13.30 -21.14
C ALA B 12 -16.61 -12.40 -19.92
N THR B 13 -15.83 -11.33 -20.13
CA THR B 13 -15.74 -10.26 -19.12
C THR B 13 -15.73 -8.91 -19.80
N LYS B 14 -16.00 -7.88 -18.98
CA LYS B 14 -15.81 -6.50 -19.36
C LYS B 14 -14.32 -6.14 -19.19
N PRO B 15 -13.89 -4.96 -19.66
CA PRO B 15 -12.45 -4.65 -19.67
C PRO B 15 -11.78 -4.35 -18.32
N SER B 16 -12.47 -4.34 -17.18
CA SER B 16 -11.83 -3.90 -15.96
C SER B 16 -11.00 -5.02 -15.31
N SER B 17 -10.05 -4.61 -14.47
CA SER B 17 -9.24 -5.56 -13.69
C SER B 17 -10.10 -6.44 -12.79
N GLU B 18 -11.09 -5.85 -12.12
CA GLU B 18 -12.02 -6.63 -11.31
C GLU B 18 -12.70 -7.71 -12.15
N GLN B 19 -13.11 -7.34 -13.36
CA GLN B 19 -13.74 -8.31 -14.25
C GLN B 19 -12.80 -9.42 -14.70
N TYR B 20 -11.50 -9.13 -14.89
CA TYR B 20 -10.57 -10.19 -15.24
C TYR B 20 -10.43 -11.19 -14.10
N ILE B 21 -10.35 -10.69 -12.85
CA ILE B 21 -10.32 -11.59 -11.70
C ILE B 21 -11.57 -12.48 -11.69
N LEU B 22 -12.74 -11.86 -11.88
CA LEU B 22 -13.98 -12.62 -11.86
C LEU B 22 -14.02 -13.65 -12.99
N GLY B 23 -13.57 -13.26 -14.19
CA GLY B 23 -13.53 -14.23 -15.29
C GLY B 23 -12.64 -15.41 -14.99
N GLU B 24 -11.50 -15.16 -14.34
CA GLU B 24 -10.61 -16.26 -13.97
C GLU B 24 -11.20 -17.14 -12.89
N ILE B 25 -11.91 -16.56 -11.92
CA ILE B 25 -12.59 -17.38 -10.91
C ILE B 25 -13.56 -18.35 -11.59
N LEU B 26 -14.40 -17.83 -12.48
CA LEU B 26 -15.36 -18.68 -13.16
C LEU B 26 -14.66 -19.73 -14.01
N SER B 27 -13.64 -19.30 -14.75
CA SER B 27 -12.97 -20.18 -15.69
C SER B 27 -12.22 -21.30 -14.98
N LEU B 28 -11.45 -20.96 -13.96
CA LEU B 28 -10.68 -21.97 -13.24
C LEU B 28 -11.60 -22.94 -12.49
N LEU B 29 -12.71 -22.44 -11.94
CA LEU B 29 -13.62 -23.32 -11.22
C LEU B 29 -14.23 -24.35 -12.14
N LEU B 30 -14.69 -23.92 -13.32
CA LEU B 30 -15.24 -24.86 -14.28
C LEU B 30 -14.17 -25.82 -14.81
N GLU B 31 -12.96 -25.31 -15.06
CA GLU B 31 -11.87 -26.19 -15.53
C GLU B 31 -11.50 -27.24 -14.50
N LYS B 32 -11.54 -26.87 -13.21
CA LYS B 32 -11.28 -27.83 -12.14
C LYS B 32 -12.22 -29.03 -12.23
N HIS B 33 -13.43 -28.80 -12.72
CA HIS B 33 -14.44 -29.84 -12.87
C HIS B 33 -14.50 -30.40 -14.28
N HIS B 34 -13.45 -30.19 -15.08
CA HIS B 34 -13.26 -30.84 -16.37
C HIS B 34 -14.25 -30.38 -17.43
N ILE B 35 -14.80 -29.19 -17.26
CA ILE B 35 -15.72 -28.61 -18.25
C ILE B 35 -14.90 -27.73 -19.18
N PRO B 36 -14.92 -27.97 -20.50
CA PRO B 36 -14.12 -27.16 -21.41
C PRO B 36 -14.59 -25.72 -21.42
N ILE B 37 -13.64 -24.79 -21.36
CA ILE B 37 -13.96 -23.36 -21.37
C ILE B 37 -13.05 -22.62 -22.33
N LYS B 38 -13.59 -21.54 -22.90
CA LYS B 38 -12.83 -20.59 -23.68
C LYS B 38 -13.02 -19.22 -23.04
N ARG B 39 -11.92 -18.47 -22.91
CA ARG B 39 -11.97 -17.15 -22.29
C ARG B 39 -12.15 -16.11 -23.39
N ALA B 40 -13.13 -15.22 -23.20
CA ALA B 40 -13.35 -14.07 -24.06
C ALA B 40 -13.36 -12.84 -23.17
N PHE B 41 -12.18 -12.43 -22.71
CA PHE B 41 -12.07 -11.41 -21.69
C PHE B 41 -11.92 -10.04 -22.31
N GLY B 42 -12.37 -9.02 -21.56
CA GLY B 42 -12.09 -7.64 -21.94
C GLY B 42 -12.88 -7.13 -23.13
N ILE B 43 -14.17 -7.46 -23.19
CA ILE B 43 -14.99 -7.10 -24.34
C ILE B 43 -15.27 -5.60 -24.32
N GLY B 44 -14.77 -4.90 -25.33
CA GLY B 44 -15.02 -3.48 -25.42
C GLY B 44 -16.52 -3.18 -25.48
N GLY B 45 -16.92 -2.10 -24.80
CA GLY B 45 -18.31 -1.76 -24.67
C GLY B 45 -19.06 -2.50 -23.58
N GLY B 46 -18.46 -3.52 -22.97
CA GLY B 46 -19.11 -4.20 -21.86
C GLY B 46 -20.45 -4.81 -22.25
N THR B 47 -21.44 -4.58 -21.40
CA THR B 47 -22.76 -5.22 -21.52
C THR B 47 -23.35 -5.02 -22.91
N MET B 48 -23.17 -3.83 -23.49
CA MET B 48 -23.73 -3.49 -24.79
C MET B 48 -23.38 -4.52 -25.84
N ASN B 49 -22.16 -5.05 -25.79
CA ASN B 49 -21.73 -6.03 -26.78
C ASN B 49 -21.68 -7.46 -26.24
N ILE B 50 -21.58 -7.64 -24.93
CA ILE B 50 -21.66 -8.97 -24.35
C ILE B 50 -23.06 -9.54 -24.48
N HIS B 51 -24.07 -8.74 -24.12
CA HIS B 51 -25.44 -9.25 -24.06
C HIS B 51 -25.93 -9.82 -25.40
N PRO B 52 -25.79 -9.14 -26.54
CA PRO B 52 -26.24 -9.74 -27.80
C PRO B 52 -25.55 -11.05 -28.13
N ALA B 53 -24.28 -11.21 -27.75
CA ALA B 53 -23.58 -12.47 -28.01
C ALA B 53 -24.08 -13.56 -27.09
N LEU B 54 -24.41 -13.20 -25.85
CA LEU B 54 -24.95 -14.16 -24.90
C LEU B 54 -26.28 -14.72 -25.37
N ILE B 55 -27.20 -13.84 -25.80
CA ILE B 55 -28.50 -14.33 -26.24
C ILE B 55 -28.40 -15.14 -27.54
N ARG B 56 -27.34 -14.93 -28.33
CA ARG B 56 -27.13 -15.73 -29.54
C ARG B 56 -26.31 -16.99 -29.30
N GLY B 57 -25.89 -17.24 -28.07
CA GLY B 57 -25.19 -18.46 -27.74
C GLY B 57 -23.70 -18.44 -28.01
N ASP B 58 -23.14 -17.30 -28.39
CA ASP B 58 -21.72 -17.22 -28.67
C ASP B 58 -20.89 -16.91 -27.42
N PHE B 59 -21.52 -16.39 -26.38
CA PHE B 59 -20.99 -16.40 -25.03
C PHE B 59 -21.92 -17.26 -24.20
N ASP B 60 -21.40 -17.85 -23.12
CA ASP B 60 -22.23 -18.63 -22.22
C ASP B 60 -22.48 -18.01 -20.86
N LEU B 61 -21.53 -17.27 -20.31
CA LEU B 61 -21.72 -16.68 -18.99
C LEU B 61 -20.77 -15.50 -18.80
N TYR B 62 -21.14 -14.63 -17.86
CA TYR B 62 -20.31 -13.51 -17.43
C TYR B 62 -20.87 -13.02 -16.11
N VAL B 63 -20.13 -12.12 -15.47
CA VAL B 63 -20.57 -11.48 -14.23
C VAL B 63 -21.11 -10.09 -14.56
N GLU B 64 -22.38 -9.87 -14.26
CA GLU B 64 -23.07 -8.60 -14.47
C GLU B 64 -23.33 -7.95 -13.12
N TYR B 65 -23.59 -6.65 -13.15
CA TYR B 65 -23.98 -5.89 -11.97
C TYR B 65 -25.44 -5.49 -12.11
N THR B 66 -26.21 -5.65 -11.03
CA THR B 66 -27.67 -5.49 -11.13
C THR B 66 -28.05 -4.13 -11.73
N GLY B 67 -27.49 -3.04 -11.22
CA GLY B 67 -27.87 -1.73 -11.72
C GLY B 67 -27.52 -1.51 -13.18
N THR B 68 -26.47 -2.18 -13.67
CA THR B 68 -26.12 -2.07 -15.09
C THR B 68 -27.16 -2.77 -15.95
N ALA B 69 -27.56 -3.99 -15.56
CA ALA B 69 -28.63 -4.68 -16.28
C ALA B 69 -29.92 -3.87 -16.21
N TRP B 70 -30.22 -3.32 -15.03
CA TRP B 70 -31.45 -2.56 -14.82
C TRP B 70 -31.65 -1.49 -15.90
N VAL B 71 -30.60 -0.73 -16.19
CA VAL B 71 -30.66 0.34 -17.18
C VAL B 71 -30.44 -0.18 -18.60
N ASN B 72 -29.36 -0.94 -18.81
CA ASN B 72 -28.87 -1.19 -20.16
C ASN B 72 -29.66 -2.26 -20.90
N THR B 73 -30.00 -3.35 -20.24
CA THR B 73 -30.77 -4.39 -20.91
C THR B 73 -32.25 -4.33 -20.60
N LEU B 74 -32.63 -3.93 -19.39
CA LEU B 74 -34.02 -3.91 -18.97
C LEU B 74 -34.69 -2.55 -19.18
N LYS B 75 -33.91 -1.51 -19.48
CA LYS B 75 -34.45 -0.19 -19.84
C LYS B 75 -35.27 0.43 -18.71
N ASN B 76 -34.89 0.16 -17.44
CA ASN B 76 -35.54 0.77 -16.29
C ASN B 76 -34.75 1.99 -15.82
N PRO B 77 -35.41 2.95 -15.20
CA PRO B 77 -34.69 4.13 -14.71
C PRO B 77 -34.09 3.91 -13.33
N LEU B 78 -32.93 4.53 -13.11
CA LEU B 78 -32.31 4.45 -11.79
C LEU B 78 -33.06 5.21 -10.72
N THR B 79 -34.09 5.99 -11.08
CA THR B 79 -34.97 6.58 -10.08
C THR B 79 -35.89 5.55 -9.44
N GLN B 80 -36.02 4.37 -10.02
CA GLN B 80 -36.64 3.22 -9.37
C GLN B 80 -35.54 2.38 -8.74
N LYS B 81 -35.73 1.97 -7.49
CA LYS B 81 -34.73 1.15 -6.82
C LYS B 81 -34.49 -0.13 -7.61
N VAL B 82 -33.22 -0.48 -7.79
CA VAL B 82 -32.88 -1.72 -8.46
C VAL B 82 -33.47 -2.87 -7.67
N ASP B 83 -34.12 -3.79 -8.38
CA ASP B 83 -34.82 -4.90 -7.73
C ASP B 83 -34.33 -6.21 -8.31
N PHE B 84 -33.60 -6.99 -7.52
CA PHE B 84 -33.02 -8.23 -8.02
C PHE B 84 -34.09 -9.20 -8.50
N GLU B 85 -35.15 -9.40 -7.71
CA GLU B 85 -36.17 -10.35 -8.10
C GLU B 85 -36.76 -10.01 -9.46
N THR B 86 -37.01 -8.72 -9.71
CA THR B 86 -37.48 -8.27 -11.02
C THR B 86 -36.47 -8.59 -12.11
N ILE B 87 -35.18 -8.31 -11.85
CA ILE B 87 -34.15 -8.60 -12.84
C ILE B 87 -34.14 -10.08 -13.18
N LYS B 88 -34.17 -10.93 -12.15
CA LYS B 88 -34.07 -12.36 -12.40
C LYS B 88 -35.26 -12.88 -13.20
N LYS B 89 -36.47 -12.43 -12.85
CA LYS B 89 -37.66 -12.90 -13.56
C LYS B 89 -37.65 -12.42 -15.01
N ARG B 90 -37.32 -11.15 -15.22
CA ARG B 90 -37.31 -10.61 -16.58
C ARG B 90 -36.22 -11.27 -17.42
N TYR B 91 -35.05 -11.53 -16.83
CA TYR B 91 -33.97 -12.19 -17.56
C TYR B 91 -34.40 -13.59 -18.02
N GLU B 92 -35.09 -14.35 -17.17
CA GLU B 92 -35.56 -15.67 -17.57
C GLU B 92 -36.59 -15.57 -18.69
N LYS B 93 -37.59 -14.70 -18.52
CA LYS B 93 -38.71 -14.66 -19.45
C LYS B 93 -38.32 -14.04 -20.78
N GLU B 94 -37.57 -12.94 -20.74
CA GLU B 94 -37.28 -12.17 -21.95
C GLU B 94 -36.03 -12.65 -22.68
N PHE B 95 -35.05 -13.18 -21.95
CA PHE B 95 -33.75 -13.50 -22.54
C PHE B 95 -33.37 -14.96 -22.42
N ASN B 96 -34.13 -15.77 -21.68
CA ASN B 96 -33.75 -17.16 -21.41
C ASN B 96 -32.39 -17.22 -20.73
N LEU B 97 -32.13 -16.26 -19.82
CA LEU B 97 -30.88 -16.16 -19.08
C LEU B 97 -31.16 -16.30 -17.60
N LEU B 98 -30.24 -16.96 -16.89
CA LEU B 98 -30.37 -17.20 -15.46
C LEU B 98 -29.33 -16.39 -14.71
N TRP B 99 -29.78 -15.59 -13.75
CA TRP B 99 -28.88 -15.11 -12.71
C TRP B 99 -28.72 -16.23 -11.69
N VAL B 100 -27.51 -16.77 -11.56
CA VAL B 100 -27.27 -17.91 -10.67
C VAL B 100 -27.60 -17.52 -9.23
N GLY B 101 -27.25 -16.30 -8.87
CA GLY B 101 -27.27 -15.82 -7.51
C GLY B 101 -26.39 -14.60 -7.49
N LEU B 102 -26.11 -14.11 -6.28
CA LEU B 102 -25.25 -12.95 -6.13
C LEU B 102 -23.97 -13.33 -5.41
N LEU B 103 -22.84 -12.80 -5.91
CA LEU B 103 -21.53 -13.16 -5.36
C LEU B 103 -21.35 -12.64 -3.95
N GLY B 104 -21.97 -11.49 -3.63
CA GLY B 104 -21.95 -10.98 -2.27
C GLY B 104 -21.53 -9.53 -2.15
N PHE B 105 -21.08 -8.92 -3.26
CA PHE B 105 -20.57 -7.56 -3.24
C PHE B 105 -21.35 -6.64 -4.16
N ASN B 106 -21.22 -5.35 -3.87
CA ASN B 106 -21.91 -4.27 -4.55
C ASN B 106 -20.83 -3.26 -4.92
N ASN B 107 -20.63 -3.02 -6.20
CA ASN B 107 -19.59 -2.11 -6.70
C ASN B 107 -20.29 -0.83 -7.10
N THR B 108 -20.37 0.10 -6.16
CA THR B 108 -21.04 1.36 -6.40
C THR B 108 -20.24 2.47 -5.73
N TYR B 109 -20.64 3.71 -6.01
CA TYR B 109 -20.00 4.84 -5.35
C TYR B 109 -20.27 4.83 -3.86
N SER B 110 -19.26 5.27 -3.11
CA SER B 110 -19.46 5.69 -1.74
C SER B 110 -18.52 6.87 -1.46
N LEU B 111 -18.48 7.27 -0.19
CA LEU B 111 -17.63 8.35 0.28
C LEU B 111 -16.73 7.80 1.36
N ALA B 112 -15.48 8.27 1.41
CA ALA B 112 -14.53 7.74 2.37
C ALA B 112 -13.74 8.88 3.01
N ILE B 113 -13.34 8.64 4.25
CA ILE B 113 -12.47 9.51 5.03
C ILE B 113 -11.47 8.62 5.79
N SER B 114 -10.53 9.24 6.49
CA SER B 114 -9.63 8.43 7.29
C SER B 114 -10.35 7.86 8.50
N LYS B 115 -9.82 6.74 9.00
CA LYS B 115 -10.37 6.18 10.24
C LYS B 115 -10.13 7.12 11.42
N GLU B 116 -9.04 7.87 11.40
CA GLU B 116 -8.78 8.83 12.46
C GLU B 116 -9.86 9.90 12.50
N ASP B 117 -10.22 10.45 11.33
CA ASP B 117 -11.28 11.45 11.29
C ASP B 117 -12.64 10.86 11.62
N ALA B 118 -12.89 9.62 11.18
CA ALA B 118 -14.17 8.98 11.51
C ALA B 118 -14.34 8.84 13.01
N GLN B 119 -13.26 8.46 13.71
CA GLN B 119 -13.33 8.33 15.15
C GLN B 119 -13.44 9.69 15.83
N LYS B 120 -12.69 10.68 15.35
CA LYS B 120 -12.68 12.00 15.96
C LYS B 120 -14.07 12.63 15.93
N TYR B 121 -14.77 12.47 14.81
CA TYR B 121 -16.05 13.14 14.59
C TYR B 121 -17.25 12.22 14.70
N ALA B 122 -17.05 10.96 15.12
CA ALA B 122 -18.14 9.99 15.23
C ALA B 122 -18.85 9.75 13.89
N ILE B 123 -18.10 9.76 12.80
CA ILE B 123 -18.69 9.67 11.47
C ILE B 123 -18.81 8.21 11.03
N GLU B 124 -20.04 7.79 10.75
CA GLU B 124 -20.35 6.46 10.22
C GLU B 124 -21.13 6.52 8.91
N THR B 125 -21.97 7.53 8.73
CA THR B 125 -22.88 7.61 7.59
C THR B 125 -22.61 8.87 6.79
N PHE B 126 -23.20 8.90 5.58
CA PHE B 126 -23.16 10.12 4.78
C PHE B 126 -23.75 11.30 5.54
N SER B 127 -24.85 11.08 6.27
CA SER B 127 -25.44 12.18 7.02
C SER B 127 -24.48 12.70 8.09
N ASP B 128 -23.70 11.81 8.71
CA ASP B 128 -22.68 12.27 9.66
C ASP B 128 -21.63 13.12 8.94
N LEU B 129 -21.17 12.69 7.77
CA LEU B 129 -20.19 13.49 7.04
C LEU B 129 -20.76 14.85 6.67
N ALA B 130 -22.02 14.89 6.22
CA ALA B 130 -22.64 16.18 5.93
C ALA B 130 -22.68 17.06 7.17
N PHE B 131 -23.03 16.47 8.32
CA PHE B 131 -23.11 17.22 9.57
C PHE B 131 -21.77 17.86 9.93
N HIS B 132 -20.66 17.17 9.65
CA HIS B 132 -19.33 17.64 9.98
C HIS B 132 -18.56 18.15 8.77
N SER B 133 -19.24 18.33 7.63
CA SER B 133 -18.54 18.64 6.39
C SER B 133 -17.71 19.91 6.37
N PRO B 134 -17.97 20.94 7.18
CA PRO B 134 -17.06 22.10 7.20
C PRO B 134 -15.64 21.76 7.63
N ASN B 135 -15.40 20.58 8.19
CA ASN B 135 -14.05 20.14 8.54
C ASN B 135 -13.40 19.30 7.46
N PHE B 136 -13.98 19.26 6.26
CA PHE B 136 -13.50 18.39 5.20
C PHE B 136 -13.31 19.11 3.88
N ASP B 137 -12.18 18.81 3.23
CA ASP B 137 -11.87 19.23 1.88
C ASP B 137 -12.13 18.02 0.99
N PHE B 138 -13.12 18.13 0.12
CA PHE B 138 -13.60 16.97 -0.66
C PHE B 138 -13.00 16.99 -2.06
N GLY B 139 -12.57 15.83 -2.53
CA GLY B 139 -12.09 15.70 -3.89
C GLY B 139 -12.74 14.55 -4.64
N ALA B 140 -12.87 14.73 -5.95
CA ALA B 140 -13.41 13.70 -6.83
C ALA B 140 -12.97 14.00 -8.26
N GLU B 141 -13.22 13.04 -9.14
CA GLU B 141 -12.88 13.21 -10.54
C GLU B 141 -13.86 14.17 -11.22
N PHE B 142 -13.41 14.74 -12.35
CA PHE B 142 -14.19 15.78 -13.02
C PHE B 142 -15.64 15.35 -13.27
N ASP B 143 -15.84 14.12 -13.74
CA ASP B 143 -17.18 13.72 -14.13
C ASP B 143 -18.12 13.62 -12.92
N PHE B 144 -17.56 13.37 -11.72
CA PHE B 144 -18.38 13.33 -10.51
C PHE B 144 -19.04 14.67 -10.23
N PHE B 145 -18.43 15.77 -10.67
CA PHE B 145 -18.99 17.10 -10.47
C PHE B 145 -19.84 17.57 -11.64
N GLU B 146 -19.92 16.79 -12.70
CA GLU B 146 -20.70 17.16 -13.87
C GLU B 146 -22.05 16.45 -13.93
N ARG B 147 -22.08 15.16 -13.63
CA ARG B 147 -23.29 14.37 -13.78
C ARG B 147 -24.31 14.71 -12.70
N GLU B 148 -25.59 14.81 -13.10
CA GLU B 148 -26.64 15.08 -12.13
C GLU B 148 -26.77 13.95 -11.13
N ASP B 149 -26.43 12.72 -11.50
CA ASP B 149 -26.56 11.57 -10.61
C ASP B 149 -25.36 11.39 -9.68
N ALA B 150 -24.46 12.38 -9.63
CA ALA B 150 -23.27 12.28 -8.81
C ALA B 150 -23.30 13.38 -7.77
N PHE B 151 -22.29 14.27 -7.72
CA PHE B 151 -22.20 15.26 -6.65
C PHE B 151 -23.45 16.14 -6.58
N LYS B 152 -23.98 16.55 -7.74
CA LYS B 152 -25.15 17.43 -7.74
C LYS B 152 -26.33 16.78 -7.03
N GLY B 153 -26.61 15.51 -7.34
CA GLY B 153 -27.69 14.81 -6.66
C GLY B 153 -27.38 14.55 -5.20
N LEU B 154 -26.12 14.25 -4.89
CA LEU B 154 -25.72 14.02 -3.50
C LEU B 154 -25.99 15.26 -2.66
N MET B 155 -25.70 16.44 -3.23
CA MET B 155 -25.96 17.68 -2.53
C MET B 155 -27.45 17.89 -2.27
N LYS B 156 -28.30 17.54 -3.24
CA LYS B 156 -29.73 17.65 -3.04
C LYS B 156 -30.21 16.75 -1.91
N ALA B 157 -29.62 15.56 -1.80
CA ALA B 157 -30.10 14.58 -0.84
C ALA B 157 -29.57 14.83 0.57
N TYR B 158 -28.35 15.35 0.70
CA TYR B 158 -27.71 15.46 2.00
C TYR B 158 -27.27 16.87 2.37
N ARG B 159 -27.14 17.78 1.42
CA ARG B 159 -26.81 19.17 1.72
C ARG B 159 -25.48 19.28 2.48
N PHE B 160 -24.44 18.77 1.86
CA PHE B 160 -23.10 18.93 2.39
C PHE B 160 -22.70 20.40 2.34
N HIS B 161 -21.86 20.80 3.30
CA HIS B 161 -21.20 22.10 3.29
C HIS B 161 -19.69 21.89 3.46
N PHE B 162 -19.07 21.24 2.48
CA PHE B 162 -17.64 21.01 2.54
C PHE B 162 -16.88 22.34 2.60
N ARG B 163 -15.77 22.32 3.35
CA ARG B 163 -14.90 23.48 3.43
C ARG B 163 -14.33 23.86 2.07
N SER B 164 -14.09 22.86 1.21
CA SER B 164 -13.56 23.11 -0.12
C SER B 164 -13.88 21.91 -1.00
N LEU B 165 -13.88 22.16 -2.31
CA LEU B 165 -14.13 21.14 -3.33
C LEU B 165 -12.98 21.17 -4.31
N HIS B 166 -12.56 19.98 -4.75
CA HIS B 166 -11.41 19.83 -5.64
C HIS B 166 -11.75 18.79 -6.69
N GLU B 167 -11.64 19.15 -7.97
CA GLU B 167 -11.80 18.19 -9.05
C GLU B 167 -10.48 17.94 -9.73
N MET B 168 -10.29 16.70 -10.20
CA MET B 168 -8.98 16.28 -10.66
C MET B 168 -9.12 15.02 -11.51
N ASP B 169 -8.02 14.64 -12.13
CA ASP B 169 -7.95 13.38 -12.84
C ASP B 169 -8.36 12.23 -11.92
N ILE B 170 -9.11 11.28 -12.47
CA ILE B 170 -9.62 10.17 -11.67
C ILE B 170 -8.49 9.41 -10.97
N ASN B 171 -7.29 9.39 -11.57
CA ASN B 171 -6.15 8.65 -11.04
C ASN B 171 -5.37 9.42 -10.00
N LEU B 172 -5.79 10.63 -9.63
CA LEU B 172 -5.07 11.45 -8.67
C LEU B 172 -5.81 11.62 -7.35
N ARG B 173 -6.95 10.96 -7.17
CA ARG B 173 -7.76 11.15 -5.96
C ARG B 173 -7.08 10.58 -4.73
N TYR B 174 -6.67 9.31 -4.79
CA TYR B 174 -6.03 8.71 -3.63
C TYR B 174 -4.70 9.39 -3.32
N LYS B 175 -3.96 9.81 -4.36
CA LYS B 175 -2.73 10.55 -4.14
C LYS B 175 -2.99 11.90 -3.47
N SER B 176 -4.07 12.59 -3.86
CA SER B 176 -4.41 13.85 -3.23
C SER B 176 -4.79 13.66 -1.77
N PHE B 177 -5.38 12.51 -1.45
CA PHE B 177 -5.63 12.19 -0.05
C PHE B 177 -4.32 11.99 0.70
N GLU B 178 -3.36 11.29 0.07
CA GLU B 178 -2.05 11.05 0.69
C GLU B 178 -1.28 12.35 0.92
N SER B 179 -1.49 13.35 0.06
CA SER B 179 -0.81 14.63 0.22
C SER B 179 -1.56 15.57 1.15
N HIS B 180 -2.76 15.20 1.59
CA HIS B 180 -3.63 16.00 2.44
C HIS B 180 -4.22 17.21 1.73
N LYS B 181 -4.11 17.28 0.41
CA LYS B 181 -4.87 18.28 -0.34
C LYS B 181 -6.37 18.10 -0.10
N ILE B 182 -6.82 16.84 0.01
CA ILE B 182 -8.19 16.51 0.36
C ILE B 182 -8.15 15.53 1.53
N ASN B 183 -9.27 15.47 2.26
CA ASN B 183 -9.41 14.53 3.36
C ASN B 183 -10.76 13.82 3.32
N ALA B 184 -11.43 13.88 2.18
CA ALA B 184 -12.64 13.11 1.91
C ALA B 184 -12.70 12.95 0.40
N LEU B 185 -13.19 11.80 -0.07
CA LEU B 185 -13.23 11.58 -1.51
C LEU B 185 -14.31 10.55 -1.85
N ASP B 186 -14.65 10.52 -3.13
CA ASP B 186 -15.48 9.44 -3.66
C ASP B 186 -14.64 8.18 -3.89
N VAL B 187 -15.25 7.03 -3.64
CA VAL B 187 -14.62 5.74 -3.90
C VAL B 187 -15.63 4.88 -4.62
N PHE B 188 -15.14 3.82 -5.25
CA PHE B 188 -15.99 2.67 -5.53
C PHE B 188 -15.77 1.64 -4.44
N THR B 189 -16.85 0.99 -4.01
CA THR B 189 -16.83 0.16 -2.81
C THR B 189 -15.93 -1.08 -2.92
N THR B 190 -15.43 -1.43 -4.10
CA THR B 190 -14.48 -2.53 -4.22
C THR B 190 -13.06 -2.07 -4.49
N ASP B 191 -12.80 -0.76 -4.39
CA ASP B 191 -11.49 -0.22 -4.77
C ASP B 191 -10.37 -0.81 -3.92
N ALA B 192 -9.31 -1.25 -4.59
CA ALA B 192 -8.11 -1.74 -3.92
C ALA B 192 -7.56 -0.71 -2.94
N GLN B 193 -7.68 0.58 -3.29
CA GLN B 193 -7.06 1.62 -2.48
C GLN B 193 -7.79 1.87 -1.17
N ILE B 194 -9.03 1.41 -1.03
CA ILE B 194 -9.67 1.43 0.29
C ILE B 194 -8.85 0.62 1.28
N LYS B 195 -8.43 -0.58 0.85
CA LYS B 195 -7.58 -1.40 1.69
C LYS B 195 -6.18 -0.79 1.82
N GLU B 196 -5.61 -0.31 0.71
CA GLU B 196 -4.25 0.21 0.75
C GLU B 196 -4.13 1.39 1.70
N LEU B 197 -5.07 2.33 1.67
CA LEU B 197 -5.03 3.49 2.53
C LEU B 197 -5.76 3.28 3.85
N ASP B 198 -6.36 2.10 4.06
CA ASP B 198 -7.07 1.77 5.30
C ASP B 198 -8.18 2.78 5.59
N LEU B 199 -9.00 3.07 4.58
CA LEU B 199 -10.00 4.13 4.67
C LEU B 199 -11.27 3.64 5.35
N LYS B 200 -12.00 4.58 5.94
CA LYS B 200 -13.34 4.37 6.47
C LYS B 200 -14.34 4.67 5.35
N VAL B 201 -15.04 3.64 4.88
CA VAL B 201 -16.08 3.81 3.87
C VAL B 201 -17.41 4.03 4.58
N LEU B 202 -18.10 5.09 4.21
CA LEU B 202 -19.29 5.48 4.97
C LEU B 202 -20.55 4.83 4.41
N LYS B 203 -21.57 4.78 5.25
CA LYS B 203 -22.85 4.18 4.88
C LYS B 203 -23.76 5.23 4.27
N ASP B 204 -24.36 4.89 3.13
CA ASP B 204 -25.25 5.77 2.37
C ASP B 204 -26.64 5.64 2.99
N ASP B 205 -26.84 6.36 4.11
CA ASP B 205 -28.02 6.13 4.96
C ASP B 205 -29.32 6.48 4.25
N LYS B 206 -29.31 7.37 3.26
CA LYS B 206 -30.50 7.70 2.50
C LYS B 206 -30.58 6.97 1.16
N GLY B 207 -29.65 6.06 0.89
CA GLY B 207 -29.70 5.28 -0.34
C GLY B 207 -29.62 6.09 -1.61
N PHE B 208 -28.72 7.08 -1.65
CA PHE B 208 -28.62 7.90 -2.85
C PHE B 208 -28.05 7.12 -4.03
N PHE B 209 -26.98 6.35 -3.80
CA PHE B 209 -26.33 5.69 -4.92
C PHE B 209 -27.00 4.35 -5.21
N PRO B 210 -27.26 4.04 -6.48
CA PRO B 210 -27.97 2.80 -6.80
C PRO B 210 -27.10 1.57 -6.58
N ASN B 211 -27.74 0.41 -6.59
CA ASN B 211 -27.07 -0.85 -6.31
C ASN B 211 -26.53 -1.50 -7.57
N TYR B 212 -25.31 -2.00 -7.47
CA TYR B 212 -24.60 -2.70 -8.55
C TYR B 212 -24.06 -4.01 -7.96
N GLN B 213 -24.96 -4.92 -7.60
CA GLN B 213 -24.57 -6.19 -7.01
C GLN B 213 -24.14 -7.15 -8.11
N ALA B 214 -22.98 -7.78 -7.93
CA ALA B 214 -22.42 -8.66 -8.94
C ALA B 214 -23.03 -10.06 -8.87
N GLY B 215 -23.37 -10.62 -10.02
CA GLY B 215 -23.83 -12.00 -10.08
C GLY B 215 -23.54 -12.61 -11.43
N ILE B 216 -23.41 -13.94 -11.45
CA ILE B 216 -23.18 -14.67 -12.69
C ILE B 216 -24.48 -14.80 -13.47
N VAL B 217 -24.44 -14.40 -14.74
CA VAL B 217 -25.53 -14.60 -15.69
C VAL B 217 -25.10 -15.68 -16.67
N ILE B 218 -25.93 -16.72 -16.83
CA ILE B 218 -25.60 -17.85 -17.68
C ILE B 218 -26.81 -18.22 -18.52
N ARG B 219 -26.56 -18.68 -19.74
CA ARG B 219 -27.64 -19.13 -20.62
C ARG B 219 -28.39 -20.29 -19.99
N LYS B 220 -29.72 -20.23 -20.02
CA LYS B 220 -30.49 -21.37 -19.54
C LYS B 220 -30.26 -22.60 -20.39
N GLU B 221 -30.02 -22.43 -21.69
CA GLU B 221 -29.72 -23.57 -22.55
C GLU B 221 -28.44 -24.25 -22.09
N THR B 222 -27.47 -23.46 -21.62
CA THR B 222 -26.21 -24.03 -21.14
C THR B 222 -26.42 -24.81 -19.85
N ILE B 223 -27.24 -24.29 -18.93
CA ILE B 223 -27.55 -25.02 -17.70
C ILE B 223 -28.30 -26.31 -18.00
N LYS B 224 -29.19 -26.28 -18.99
CA LYS B 224 -29.92 -27.47 -19.38
C LYS B 224 -28.97 -28.56 -19.87
N LYS B 225 -27.99 -28.18 -20.69
CA LYS B 225 -27.04 -29.13 -21.23
C LYS B 225 -25.98 -29.54 -20.20
N TYR B 226 -25.66 -28.65 -19.27
CA TYR B 226 -24.59 -28.88 -18.29
C TYR B 226 -25.13 -28.57 -16.90
N PRO B 227 -25.99 -29.44 -16.37
CA PRO B 227 -26.58 -29.16 -15.05
C PRO B 227 -25.55 -29.04 -13.94
N GLU B 228 -24.42 -29.75 -14.05
CA GLU B 228 -23.40 -29.64 -13.03
C GLU B 228 -22.80 -28.24 -12.97
N ALA B 229 -22.78 -27.53 -14.12
CA ALA B 229 -22.28 -26.16 -14.11
C ALA B 229 -23.06 -25.28 -13.14
N LEU B 230 -24.38 -25.49 -13.04
CA LEU B 230 -25.16 -24.68 -12.11
C LEU B 230 -24.79 -24.98 -10.67
N LYS B 231 -24.69 -26.27 -10.33
CA LYS B 231 -24.31 -26.66 -8.98
C LYS B 231 -22.95 -26.09 -8.61
N ILE B 232 -22.01 -26.13 -9.56
CA ILE B 232 -20.65 -25.66 -9.29
C ILE B 232 -20.65 -24.16 -9.07
N LEU B 233 -21.32 -23.41 -9.95
CA LEU B 233 -21.29 -21.96 -9.88
C LEU B 233 -22.04 -21.43 -8.66
N GLU B 234 -23.07 -22.14 -8.20
CA GLU B 234 -23.78 -21.75 -6.99
C GLU B 234 -22.88 -21.81 -5.76
N LYS B 235 -21.79 -22.56 -5.80
CA LYS B 235 -20.89 -22.59 -4.66
C LYS B 235 -20.19 -21.26 -4.44
N LEU B 236 -20.21 -20.36 -5.42
CA LEU B 236 -19.66 -19.03 -5.26
C LEU B 236 -20.67 -18.03 -4.68
N ASP B 237 -21.96 -18.41 -4.58
CA ASP B 237 -22.97 -17.51 -4.04
C ASP B 237 -22.55 -17.03 -2.64
N SER B 238 -22.59 -15.71 -2.43
CA SER B 238 -22.31 -15.08 -1.14
C SER B 238 -20.88 -15.29 -0.66
N LYS B 239 -19.96 -15.68 -1.55
CA LYS B 239 -18.58 -15.93 -1.15
C LYS B 239 -17.67 -14.72 -1.30
N ILE B 240 -18.12 -13.64 -1.93
CA ILE B 240 -17.28 -12.47 -2.21
C ILE B 240 -18.03 -11.24 -1.72
N ASN B 241 -17.79 -10.83 -0.46
CA ASN B 241 -18.36 -9.58 0.01
C ASN B 241 -17.48 -8.40 -0.45
N ASP B 242 -17.89 -7.18 -0.10
CA ASP B 242 -17.16 -6.00 -0.55
C ASP B 242 -15.70 -6.07 -0.12
N GLU B 243 -15.46 -6.45 1.14
CA GLU B 243 -14.09 -6.49 1.65
C GLU B 243 -13.26 -7.53 0.92
N THR B 244 -13.87 -8.67 0.56
CA THR B 244 -13.14 -9.69 -0.17
C THR B 244 -12.80 -9.22 -1.58
N MET B 245 -13.75 -8.58 -2.27
CA MET B 245 -13.45 -8.06 -3.60
C MET B 245 -12.39 -6.98 -3.53
N GLN B 246 -12.44 -6.12 -2.50
CA GLN B 246 -11.37 -5.16 -2.29
C GLN B 246 -10.02 -5.86 -2.19
N ASP B 247 -9.97 -6.93 -1.39
CA ASP B 247 -8.73 -7.66 -1.20
C ASP B 247 -8.24 -8.28 -2.50
N LEU B 248 -9.13 -8.89 -3.28
CA LEU B 248 -8.70 -9.46 -4.54
C LEU B 248 -8.19 -8.37 -5.48
N ASN B 249 -8.90 -7.24 -5.57
CA ASN B 249 -8.41 -6.13 -6.41
C ASN B 249 -7.07 -5.61 -5.89
N TYR B 250 -6.91 -5.58 -4.57
CA TYR B 250 -5.64 -5.19 -3.97
C TYR B 250 -4.52 -6.13 -4.39
N GLN B 251 -4.80 -7.45 -4.40
CA GLN B 251 -3.77 -8.41 -4.78
C GLN B 251 -3.27 -8.16 -6.20
N VAL B 252 -4.17 -7.77 -7.10
CA VAL B 252 -3.76 -7.48 -8.48
C VAL B 252 -3.15 -6.10 -8.59
N GLU B 253 -3.84 -5.06 -8.12
CA GLU B 253 -3.43 -3.69 -8.41
C GLU B 253 -2.29 -3.21 -7.54
N VAL B 254 -2.18 -3.68 -6.31
CA VAL B 254 -1.14 -3.25 -5.39
C VAL B 254 -0.01 -4.26 -5.29
N LEU B 255 -0.35 -5.54 -5.08
CA LEU B 255 0.68 -6.56 -4.98
C LEU B 255 1.15 -7.08 -6.34
N LYS B 256 0.49 -6.66 -7.43
CA LYS B 256 0.93 -6.95 -8.79
C LYS B 256 0.86 -8.44 -9.14
N LYS B 257 -0.05 -9.18 -8.50
CA LYS B 257 -0.29 -10.56 -8.88
C LYS B 257 -1.21 -10.61 -10.08
N SER B 258 -1.08 -11.68 -10.86
CA SER B 258 -1.92 -11.83 -12.03
C SER B 258 -3.35 -12.16 -11.60
N PRO B 259 -4.36 -11.72 -12.38
CA PRO B 259 -5.73 -12.14 -12.06
C PRO B 259 -5.89 -13.65 -12.00
N LYS B 260 -5.15 -14.40 -12.82
CA LYS B 260 -5.26 -15.85 -12.78
C LYS B 260 -4.76 -16.42 -11.45
N ILE B 261 -3.62 -15.93 -10.96
CA ILE B 261 -3.10 -16.43 -9.70
C ILE B 261 -3.99 -16.00 -8.53
N VAL B 262 -4.48 -14.76 -8.57
CA VAL B 262 -5.40 -14.29 -7.52
C VAL B 262 -6.65 -15.15 -7.47
N ALA B 263 -7.21 -15.48 -8.63
CA ALA B 263 -8.39 -16.34 -8.69
C ALA B 263 -8.08 -17.74 -8.19
N LYS B 264 -6.95 -18.31 -8.61
CA LYS B 264 -6.57 -19.65 -8.18
C LYS B 264 -6.43 -19.71 -6.66
N ASP B 265 -5.74 -18.73 -6.07
CA ASP B 265 -5.55 -18.73 -4.63
C ASP B 265 -6.87 -18.54 -3.89
N PHE B 266 -7.76 -17.71 -4.45
CA PHE B 266 -9.07 -17.50 -3.83
C PHE B 266 -9.87 -18.80 -3.78
N LEU B 267 -9.93 -19.53 -4.90
CA LEU B 267 -10.67 -20.78 -4.93
C LEU B 267 -10.11 -21.78 -3.92
N GLU B 268 -8.78 -21.85 -3.82
CA GLU B 268 -8.17 -22.76 -2.85
C GLU B 268 -8.53 -22.37 -1.43
N ARG B 269 -8.60 -21.07 -1.13
CA ARG B 269 -8.99 -20.64 0.21
C ARG B 269 -10.43 -21.06 0.52
N LEU B 270 -11.32 -21.01 -0.47
CA LEU B 270 -12.70 -21.44 -0.30
C LEU B 270 -12.86 -22.95 -0.25
N GLY B 271 -11.80 -23.72 -0.54
CA GLY B 271 -11.93 -25.16 -0.61
C GLY B 271 -12.56 -25.66 -1.89
N LEU B 272 -12.57 -24.85 -2.94
CA LEU B 272 -13.22 -25.24 -4.21
C LEU B 272 -12.18 -25.74 -5.22
S SO4 C . 16.96 -25.47 9.71
O1 SO4 C . 17.86 -26.19 10.59
O2 SO4 C . 17.55 -24.17 9.40
O3 SO4 C . 16.76 -26.25 8.49
O4 SO4 C . 15.69 -25.27 10.39
S SO4 D . -7.41 23.07 -6.61
O1 SO4 D . -7.92 24.00 -5.60
O2 SO4 D . -5.96 23.21 -6.71
O3 SO4 D . -7.72 21.70 -6.20
O4 SO4 D . -8.03 23.35 -7.90
#